data_5ETR
#
_entry.id   5ETR
#
_cell.length_a   47.582
_cell.length_b   68.110
_cell.length_c   53.227
_cell.angle_alpha   90.00
_cell.angle_beta   106.12
_cell.angle_gamma   90.00
#
_symmetry.space_group_name_H-M   'P 1 21 1'
#
loop_
_entity.id
_entity.type
_entity.pdbx_description
1 polymer '2-amino-4-hydroxy-6-hydroxymethyldihydropteridine pyrophosphokinase'
2 non-polymer 'DIPHOSPHOMETHYLPHOSPHONIC ACID ADENOSYL ESTER'
3 non-polymer 2-azanyl-8-[(4-fluorophenyl)methylsulfanyl]-1,7-dihydropurin-6-one
4 non-polymer 'SODIUM ION'
5 non-polymer 'MAGNESIUM ION'
6 non-polymer 'CHLORIDE ION'
7 water water
#
_entity_poly.entity_id   1
_entity_poly.type   'polypeptide(L)'
_entity_poly.pdbx_seq_one_letter_code
;GSHMIQAYLGLGSNIGDRESQLNDAIKILNEYDGISVSNISPIYETAPVGYTEQPNFLNLCVEIQTTLTVLQLLECCLKT
EECLHRIRKERWGPRTLDVDILLYGEEMIDLPKLSVPHPRMNERAFVLIPLNDIAANVVEPRSKLKVKDLVFVDDSVKRY
K
;
_entity_poly.pdbx_strand_id   B,A
#
loop_
_chem_comp.id
_chem_comp.type
_chem_comp.name
_chem_comp.formula
5RW non-polymer 2-azanyl-8-[(4-fluorophenyl)methylsulfanyl]-1,7-dihydropurin-6-one 'C12 H10 F N5 O S'
APC non-polymer 'DIPHOSPHOMETHYLPHOSPHONIC ACID ADENOSYL ESTER' 'C11 H18 N5 O12 P3'
CL non-polymer 'CHLORIDE ION' 'Cl -1'
MG non-polymer 'MAGNESIUM ION' 'Mg 2'
NA non-polymer 'SODIUM ION' 'Na 1'
#
# COMPACT_ATOMS: atom_id res chain seq x y z
N MET A 4 22.80 -9.08 15.28
CA MET A 4 22.04 -9.77 14.24
C MET A 4 20.56 -9.48 14.31
N ILE A 5 19.96 -9.02 13.19
CA ILE A 5 18.56 -8.67 12.99
C ILE A 5 17.87 -9.71 12.12
N GLN A 6 16.69 -10.10 12.54
CA GLN A 6 15.87 -10.96 11.71
C GLN A 6 15.01 -10.08 10.80
N ALA A 7 15.16 -10.29 9.50
CA ALA A 7 14.44 -9.52 8.49
C ALA A 7 13.76 -10.46 7.50
N TYR A 8 12.74 -9.93 6.81
CA TYR A 8 11.99 -10.69 5.84
C TYR A 8 11.93 -9.94 4.54
N LEU A 9 12.23 -10.63 3.45
CA LEU A 9 12.18 -10.10 2.09
C LEU A 9 11.06 -10.75 1.32
N GLY A 10 10.44 -9.96 0.44
CA GLY A 10 9.47 -10.48 -0.52
C GLY A 10 10.08 -10.46 -1.89
N LEU A 11 10.00 -11.61 -2.59
CA LEU A 11 10.56 -11.71 -3.93
C LEU A 11 9.46 -11.98 -4.91
N GLY A 12 9.64 -11.48 -6.13
CA GLY A 12 8.69 -11.68 -7.19
C GLY A 12 9.37 -11.74 -8.54
N SER A 13 8.74 -12.47 -9.47
CA SER A 13 9.18 -12.51 -10.86
C SER A 13 7.97 -12.78 -11.74
N ASN A 14 7.83 -12.04 -12.84
CA ASN A 14 6.73 -12.29 -13.75
C ASN A 14 7.11 -12.29 -15.24
N ILE A 15 8.41 -12.47 -15.53
CA ILE A 15 8.86 -12.56 -16.95
C ILE A 15 10.12 -13.43 -16.90
N GLY A 16 10.45 -14.05 -18.00
CA GLY A 16 11.58 -14.93 -18.03
C GLY A 16 11.24 -16.27 -17.39
N ASP A 17 12.28 -17.02 -17.02
CA ASP A 17 12.15 -18.27 -16.26
C ASP A 17 12.00 -17.90 -14.80
N ARG A 18 10.75 -17.70 -14.38
CA ARG A 18 10.47 -17.10 -13.04
C ARG A 18 11.11 -17.87 -11.91
N GLU A 19 10.94 -19.19 -11.95
CA GLU A 19 11.44 -20.02 -10.84
C GLU A 19 12.96 -20.03 -10.78
N SER A 20 13.61 -20.13 -11.93
CA SER A 20 15.08 -20.13 -11.94
CA SER A 20 15.08 -20.11 -11.95
C SER A 20 15.60 -18.80 -11.45
N GLN A 21 14.94 -17.71 -11.85
CA GLN A 21 15.39 -16.39 -11.44
CA GLN A 21 15.39 -16.38 -11.44
C GLN A 21 15.25 -16.18 -9.92
N LEU A 22 14.14 -16.67 -9.37
CA LEU A 22 13.94 -16.55 -7.90
C LEU A 22 15.02 -17.36 -7.16
N ASN A 23 15.29 -18.58 -7.65
CA ASN A 23 16.32 -19.40 -7.00
C ASN A 23 17.70 -18.76 -7.07
N ASP A 24 18.04 -18.20 -8.23
CA ASP A 24 19.32 -17.52 -8.39
C ASP A 24 19.39 -16.32 -7.45
N ALA A 25 18.28 -15.58 -7.37
CA ALA A 25 18.24 -14.40 -6.48
C ALA A 25 18.54 -14.74 -5.04
N ILE A 26 17.95 -15.83 -4.56
CA ILE A 26 18.16 -16.26 -3.15
C ILE A 26 19.64 -16.59 -2.92
N LYS A 27 20.22 -17.34 -3.87
CA LYS A 27 21.65 -17.67 -3.77
C LYS A 27 22.56 -16.43 -3.72
N ILE A 28 22.24 -15.46 -4.59
CA ILE A 28 22.99 -14.21 -4.60
C ILE A 28 22.84 -13.43 -3.31
N LEU A 29 21.60 -13.34 -2.82
CA LEU A 29 21.38 -12.66 -1.53
C LEU A 29 22.19 -13.27 -0.39
N ASN A 30 22.20 -14.60 -0.38
CA ASN A 30 22.90 -15.34 0.66
C ASN A 30 24.42 -15.15 0.60
N GLU A 31 24.93 -14.83 -0.60
CA GLU A 31 26.38 -14.68 -0.80
C GLU A 31 26.92 -13.36 -0.31
N TYR A 32 26.08 -12.39 0.00
CA TYR A 32 26.60 -11.13 0.55
C TYR A 32 27.06 -11.35 2.00
N ASP A 33 28.18 -10.77 2.38
CA ASP A 33 28.53 -10.88 3.77
C ASP A 33 27.51 -9.97 4.49
N GLY A 34 27.11 -10.43 5.64
CA GLY A 34 26.13 -9.74 6.44
C GLY A 34 24.72 -10.16 6.19
N ILE A 35 24.46 -10.99 5.18
CA ILE A 35 23.13 -11.57 4.94
C ILE A 35 23.24 -13.08 4.93
N SER A 36 22.41 -13.73 5.74
CA SER A 36 22.38 -15.20 5.79
C SER A 36 20.93 -15.62 5.65
N VAL A 37 20.59 -16.31 4.56
CA VAL A 37 19.23 -16.82 4.37
C VAL A 37 18.98 -18.01 5.30
N SER A 38 17.99 -17.90 6.17
CA SER A 38 17.64 -18.92 7.15
C SER A 38 16.37 -19.65 6.89
N ASN A 39 15.47 -19.12 6.07
CA ASN A 39 14.25 -19.87 5.73
C ASN A 39 13.73 -19.29 4.44
N ILE A 40 13.00 -20.11 3.69
CA ILE A 40 12.41 -19.72 2.41
C ILE A 40 11.02 -20.33 2.37
N SER A 41 10.02 -19.51 2.06
CA SER A 41 8.67 -20.03 1.93
C SER A 41 8.49 -20.90 0.70
N PRO A 42 7.39 -21.63 0.63
CA PRO A 42 6.98 -22.16 -0.65
C PRO A 42 6.81 -21.04 -1.68
N ILE A 43 6.85 -21.42 -2.94
CA ILE A 43 6.58 -20.50 -4.05
C ILE A 43 5.08 -20.54 -4.35
N TYR A 44 4.52 -19.35 -4.56
CA TYR A 44 3.11 -19.18 -4.95
C TYR A 44 3.03 -18.52 -6.31
N GLU A 45 2.11 -18.99 -7.12
CA GLU A 45 1.74 -18.28 -8.36
C GLU A 45 0.58 -17.33 -8.00
N THR A 46 0.71 -16.07 -8.39
CA THR A 46 -0.18 -15.06 -7.90
C THR A 46 -0.61 -14.17 -9.03
N ALA A 47 -1.88 -13.73 -8.96
CA ALA A 47 -2.44 -12.75 -9.92
C ALA A 47 -1.85 -11.37 -9.63
N PRO A 48 -1.46 -10.64 -10.68
CA PRO A 48 -0.98 -9.30 -10.47
C PRO A 48 -2.04 -8.41 -9.83
N VAL A 49 -1.57 -7.57 -8.88
CA VAL A 49 -2.43 -6.53 -8.32
C VAL A 49 -1.83 -5.16 -8.56
N GLY A 50 -2.74 -4.16 -8.56
CA GLY A 50 -2.34 -2.79 -8.57
C GLY A 50 -1.98 -2.19 -9.91
N TYR A 51 -2.29 -2.89 -10.98
CA TYR A 51 -1.92 -2.39 -12.32
C TYR A 51 -2.94 -2.93 -13.35
N THR A 52 -2.57 -2.93 -14.59
CA THR A 52 -3.37 -3.55 -15.65
C THR A 52 -3.12 -5.06 -15.67
N GLU A 53 -3.78 -5.75 -16.58
CA GLU A 53 -3.57 -7.18 -16.80
C GLU A 53 -2.08 -7.39 -17.13
N GLN A 54 -1.48 -8.36 -16.48
CA GLN A 54 -0.02 -8.61 -16.65
C GLN A 54 0.19 -10.09 -16.47
N PRO A 55 1.33 -10.61 -16.89
CA PRO A 55 1.58 -12.04 -16.65
C PRO A 55 1.62 -12.34 -15.16
N ASN A 56 1.21 -13.53 -14.79
CA ASN A 56 1.17 -13.93 -13.41
C ASN A 56 2.58 -13.96 -12.81
N PHE A 57 2.67 -13.70 -11.52
CA PHE A 57 3.92 -13.71 -10.75
C PHE A 57 4.16 -15.08 -10.14
N LEU A 58 5.42 -15.36 -9.85
CA LEU A 58 5.77 -16.30 -8.85
C LEU A 58 6.29 -15.36 -7.70
N ASN A 59 5.79 -15.58 -6.52
CA ASN A 59 6.18 -14.85 -5.32
C ASN A 59 6.56 -15.77 -4.20
N LEU A 60 7.48 -15.32 -3.36
CA LEU A 60 7.85 -16.06 -2.16
C LEU A 60 8.36 -15.06 -1.14
N CYS A 61 8.65 -15.56 0.04
CA CYS A 61 9.23 -14.75 1.08
C CYS A 61 10.48 -15.45 1.55
N VAL A 62 11.45 -14.67 2.02
N VAL A 62 11.47 -14.70 2.03
CA VAL A 62 12.71 -15.21 2.57
CA VAL A 62 12.69 -15.27 2.61
C VAL A 62 13.03 -14.61 3.95
C VAL A 62 13.01 -14.64 3.96
N GLU A 63 13.54 -15.43 4.88
CA GLU A 63 13.94 -14.96 6.18
C GLU A 63 15.45 -14.84 6.15
N ILE A 64 15.96 -13.70 6.60
CA ILE A 64 17.40 -13.52 6.70
C ILE A 64 17.78 -13.14 8.11
N GLN A 65 19.01 -13.50 8.48
CA GLN A 65 19.66 -13.03 9.66
C GLN A 65 20.73 -12.08 9.13
N THR A 66 20.64 -10.79 9.50
CA THR A 66 21.54 -9.81 8.93
C THR A 66 22.22 -8.97 9.97
N THR A 67 23.45 -8.60 9.68
CA THR A 67 24.20 -7.60 10.41
C THR A 67 24.34 -6.31 9.64
N LEU A 68 23.64 -6.20 8.50
CA LEU A 68 23.63 -4.95 7.74
C LEU A 68 22.62 -3.97 8.30
N THR A 69 22.91 -2.70 8.14
CA THR A 69 21.87 -1.69 8.38
C THR A 69 20.78 -1.87 7.32
N VAL A 70 19.64 -1.23 7.56
CA VAL A 70 18.53 -1.48 6.64
C VAL A 70 18.86 -0.85 5.27
N LEU A 71 19.56 0.31 5.24
CA LEU A 71 19.97 0.85 3.93
C LEU A 71 21.05 0.05 3.23
N GLN A 72 21.98 -0.54 4.00
CA GLN A 72 22.93 -1.47 3.40
C GLN A 72 22.18 -2.68 2.79
N LEU A 73 21.19 -3.18 3.52
CA LEU A 73 20.38 -4.25 3.04
C LEU A 73 19.70 -3.88 1.72
N LEU A 74 19.11 -2.69 1.69
CA LEU A 74 18.41 -2.25 0.50
C LEU A 74 19.36 -2.22 -0.68
N GLU A 75 20.59 -1.76 -0.50
N GLU A 75 20.59 -1.75 -0.53
CA GLU A 75 21.57 -1.79 -1.61
CA GLU A 75 21.57 -1.81 -1.61
C GLU A 75 21.79 -3.22 -2.18
C GLU A 75 21.79 -3.22 -2.18
N CYS A 76 21.94 -4.22 -1.31
CA CYS A 76 22.06 -5.61 -1.70
C CYS A 76 20.83 -6.11 -2.45
N CYS A 77 19.64 -5.71 -1.99
CA CYS A 77 18.41 -6.12 -2.66
C CYS A 77 18.38 -5.60 -4.13
N LEU A 78 18.71 -4.30 -4.24
CA LEU A 78 18.67 -3.67 -5.58
C LEU A 78 19.80 -4.14 -6.49
N LYS A 79 20.96 -4.42 -5.93
CA LYS A 79 22.04 -5.03 -6.71
CA LYS A 79 22.03 -5.03 -6.71
C LYS A 79 21.64 -6.39 -7.24
N THR A 80 20.89 -7.14 -6.45
CA THR A 80 20.46 -8.48 -6.89
C THR A 80 19.55 -8.39 -8.10
N GLU A 81 18.65 -7.40 -8.08
CA GLU A 81 17.78 -7.13 -9.23
C GLU A 81 18.62 -6.84 -10.48
N GLU A 82 19.68 -6.05 -10.29
CA GLU A 82 20.57 -5.73 -11.43
C GLU A 82 21.29 -7.00 -11.94
N CYS A 83 21.71 -7.88 -11.02
CA CYS A 83 22.32 -9.14 -11.46
C CYS A 83 21.36 -9.93 -12.37
N LEU A 84 20.05 -9.83 -12.06
CA LEU A 84 18.99 -10.51 -12.81
C LEU A 84 18.42 -9.68 -13.96
N HIS A 85 19.15 -8.62 -14.32
CA HIS A 85 18.89 -7.88 -15.56
C HIS A 85 17.54 -7.16 -15.63
N ARG A 86 17.00 -6.80 -14.49
CA ARG A 86 15.71 -6.12 -14.50
C ARG A 86 15.72 -4.84 -15.31
N ILE A 87 14.68 -4.67 -16.12
CA ILE A 87 14.47 -3.52 -17.01
C ILE A 87 13.65 -2.46 -16.28
N ARG A 88 14.02 -1.21 -16.41
CA ARG A 88 13.27 -0.10 -15.80
CA ARG A 88 13.26 -0.10 -15.83
C ARG A 88 12.97 0.93 -16.88
N LYS A 89 11.77 0.83 -17.43
CA LYS A 89 11.29 1.76 -18.48
C LYS A 89 10.46 2.89 -17.86
N GLU A 90 9.95 3.80 -18.72
CA GLU A 90 9.13 4.90 -18.25
C GLU A 90 7.89 4.44 -17.50
N ARG A 91 7.28 3.32 -17.93
CA ARG A 91 6.09 2.74 -17.31
C ARG A 91 6.44 1.38 -16.71
N TRP A 92 5.73 1.02 -15.67
CA TRP A 92 5.94 -0.26 -15.04
C TRP A 92 5.56 -1.38 -16.02
N GLY A 93 6.23 -2.51 -15.84
CA GLY A 93 5.87 -3.72 -16.59
C GLY A 93 6.41 -4.96 -15.90
N PRO A 94 6.30 -6.09 -16.58
CA PRO A 94 6.83 -7.33 -16.05
C PRO A 94 8.33 -7.17 -15.69
N ARG A 95 8.76 -7.91 -14.68
CA ARG A 95 10.14 -7.79 -14.20
C ARG A 95 10.69 -9.17 -13.91
N THR A 96 11.98 -9.30 -14.19
CA THR A 96 12.69 -10.54 -13.91
C THR A 96 12.77 -10.83 -12.42
N LEU A 97 12.98 -9.78 -11.62
CA LEU A 97 13.13 -9.93 -10.19
C LEU A 97 12.79 -8.64 -9.48
N ASP A 98 12.02 -8.81 -8.41
CA ASP A 98 11.73 -7.73 -7.45
C ASP A 98 12.08 -8.25 -6.08
N VAL A 99 12.92 -7.50 -5.37
CA VAL A 99 13.31 -7.82 -3.98
C VAL A 99 12.91 -6.67 -3.10
N ASP A 100 11.90 -6.94 -2.25
CA ASP A 100 11.33 -5.89 -1.38
C ASP A 100 11.63 -6.21 0.07
N ILE A 101 12.04 -5.20 0.85
CA ILE A 101 12.21 -5.39 2.30
C ILE A 101 10.85 -5.28 2.91
N LEU A 102 10.38 -6.37 3.54
CA LEU A 102 9.07 -6.38 4.19
C LEU A 102 9.15 -5.90 5.62
N LEU A 103 10.05 -6.53 6.38
CA LEU A 103 10.20 -6.32 7.81
C LEU A 103 11.67 -6.32 8.13
N TYR A 104 12.10 -5.45 9.04
CA TYR A 104 13.49 -5.37 9.53
C TYR A 104 13.39 -5.32 11.04
N GLY A 105 13.58 -6.48 11.70
CA GLY A 105 13.27 -6.56 13.12
C GLY A 105 11.88 -6.04 13.39
N GLU A 106 11.76 -5.24 14.46
CA GLU A 106 10.54 -4.49 14.79
C GLU A 106 10.67 -3.02 14.45
N GLU A 107 11.57 -2.70 13.53
CA GLU A 107 11.85 -1.31 13.21
CA GLU A 107 11.83 -1.32 13.22
C GLU A 107 10.84 -0.69 12.22
N MET A 108 10.66 0.61 12.35
CA MET A 108 9.82 1.43 11.45
C MET A 108 10.72 2.51 10.91
N ILE A 109 10.88 2.51 9.59
CA ILE A 109 11.77 3.44 8.84
C ILE A 109 10.93 4.18 7.80
N ASP A 110 11.03 5.48 7.72
CA ASP A 110 10.34 6.24 6.71
C ASP A 110 11.30 7.26 6.13
N LEU A 111 11.92 6.90 5.03
CA LEU A 111 12.86 7.75 4.31
C LEU A 111 12.38 7.88 2.90
N PRO A 112 12.84 8.88 2.14
CA PRO A 112 12.40 8.99 0.76
C PRO A 112 12.65 7.71 -0.02
N LYS A 113 13.79 7.05 0.17
CA LYS A 113 14.13 5.88 -0.63
C LYS A 113 13.76 4.57 0.06
N LEU A 114 13.19 4.59 1.27
CA LEU A 114 12.98 3.34 2.00
C LEU A 114 11.84 3.48 2.99
N SER A 115 10.84 2.61 2.87
CA SER A 115 9.73 2.54 3.83
CA SER A 115 9.75 2.53 3.82
C SER A 115 9.63 1.10 4.31
N VAL A 116 9.81 0.89 5.62
CA VAL A 116 9.74 -0.41 6.23
C VAL A 116 8.95 -0.28 7.55
N PRO A 117 8.02 -1.17 7.88
CA PRO A 117 7.50 -2.23 7.03
C PRO A 117 7.05 -1.76 5.69
N HIS A 118 7.07 -2.64 4.68
CA HIS A 118 6.68 -2.26 3.36
C HIS A 118 5.26 -1.68 3.41
N PRO A 119 5.01 -0.52 2.76
CA PRO A 119 3.75 0.19 2.98
C PRO A 119 2.53 -0.50 2.52
N ARG A 120 2.65 -1.49 1.66
CA ARG A 120 1.50 -2.20 1.11
C ARG A 120 1.34 -3.63 1.58
N MET A 121 2.26 -4.10 2.42
CA MET A 121 2.24 -5.55 2.74
C MET A 121 1.01 -6.06 3.45
N ASN A 122 0.38 -5.21 4.29
CA ASN A 122 -0.70 -5.71 5.12
C ASN A 122 -1.97 -5.94 4.33
N GLU A 123 -2.00 -5.51 3.09
CA GLU A 123 -3.18 -5.71 2.23
C GLU A 123 -2.86 -6.52 0.97
N ARG A 124 -1.73 -7.27 1.02
CA ARG A 124 -1.27 -8.09 -0.12
C ARG A 124 -1.22 -9.55 0.23
N ALA A 125 -2.14 -10.34 -0.32
CA ALA A 125 -2.07 -11.78 -0.12
C ALA A 125 -0.79 -12.40 -0.65
N PHE A 126 -0.27 -11.88 -1.78
CA PHE A 126 0.95 -12.45 -2.36
C PHE A 126 2.15 -12.25 -1.44
N VAL A 127 2.06 -11.33 -0.49
CA VAL A 127 3.01 -11.21 0.58
C VAL A 127 2.62 -12.06 1.79
N LEU A 128 1.44 -11.82 2.34
CA LEU A 128 1.09 -12.36 3.66
C LEU A 128 0.97 -13.90 3.66
N ILE A 129 0.50 -14.50 2.57
CA ILE A 129 0.36 -15.95 2.56
C ILE A 129 1.74 -16.66 2.64
N PRO A 130 2.70 -16.33 1.76
CA PRO A 130 4.03 -16.95 1.96
C PRO A 130 4.72 -16.45 3.22
N LEU A 131 4.49 -15.22 3.62
CA LEU A 131 5.12 -14.72 4.85
C LEU A 131 4.62 -15.52 6.04
N ASN A 132 3.35 -15.84 6.07
CA ASN A 132 2.79 -16.61 7.18
C ASN A 132 3.38 -18.03 7.27
N ASP A 133 3.85 -18.57 6.15
CA ASP A 133 4.50 -19.91 6.15
C ASP A 133 5.81 -19.89 6.93
N ILE A 134 6.48 -18.75 7.04
CA ILE A 134 7.80 -18.66 7.69
C ILE A 134 7.90 -17.70 8.84
N ALA A 135 6.85 -16.89 9.06
CA ALA A 135 6.87 -15.78 10.01
C ALA A 135 5.52 -15.57 10.73
N ALA A 136 4.78 -16.65 10.92
CA ALA A 136 3.43 -16.56 11.49
C ALA A 136 3.39 -15.78 12.80
N ASN A 137 4.41 -15.94 13.67
CA ASN A 137 4.43 -15.31 14.98
C ASN A 137 5.21 -14.03 15.06
N VAL A 138 5.67 -13.52 13.91
CA VAL A 138 6.40 -12.26 13.88
C VAL A 138 5.42 -11.08 13.90
N VAL A 139 5.78 -10.08 14.70
CA VAL A 139 4.90 -8.91 14.87
C VAL A 139 5.22 -7.88 13.79
N GLU A 140 4.17 -7.42 13.11
CA GLU A 140 4.26 -6.29 12.20
C GLU A 140 4.11 -5.02 13.07
N PRO A 141 5.10 -4.16 13.15
CA PRO A 141 5.13 -3.18 14.23
C PRO A 141 4.16 -2.02 14.09
N ARG A 142 3.69 -1.72 12.88
CA ARG A 142 2.72 -0.64 12.75
C ARG A 142 1.36 -1.04 13.32
N SER A 143 0.83 -2.17 12.86
CA SER A 143 -0.43 -2.68 13.33
C SER A 143 -0.36 -3.29 14.72
N LYS A 144 0.82 -3.76 15.09
CA LYS A 144 1.13 -4.48 16.33
C LYS A 144 0.51 -5.89 16.28
N LEU A 145 0.13 -6.37 15.09
CA LEU A 145 -0.41 -7.70 14.92
C LEU A 145 0.67 -8.65 14.43
N LYS A 146 0.56 -9.90 14.85
CA LYS A 146 1.34 -10.97 14.24
C LYS A 146 0.89 -11.24 12.82
N VAL A 147 1.82 -11.72 12.01
CA VAL A 147 1.49 -12.05 10.63
C VAL A 147 0.29 -12.98 10.53
N LYS A 148 0.22 -13.97 11.44
CA LYS A 148 -0.87 -14.92 11.38
C LYS A 148 -2.25 -14.27 11.62
N ASP A 149 -2.26 -13.07 12.23
CA ASP A 149 -3.50 -12.33 12.45
C ASP A 149 -3.81 -11.32 11.35
N LEU A 150 -2.86 -11.11 10.42
CA LEU A 150 -3.07 -10.27 9.23
C LEU A 150 -3.45 -11.08 8.02
N VAL A 151 -2.91 -12.28 7.90
CA VAL A 151 -3.10 -13.08 6.69
C VAL A 151 -4.59 -13.31 6.48
N PHE A 152 -4.98 -13.39 5.21
CA PHE A 152 -6.36 -13.69 4.82
C PHE A 152 -6.40 -14.62 3.65
N VAL A 153 -7.51 -15.31 3.48
CA VAL A 153 -7.67 -16.26 2.37
C VAL A 153 -7.81 -15.46 1.07
N ASP A 154 -7.15 -15.95 0.02
CA ASP A 154 -7.21 -15.28 -1.26
C ASP A 154 -6.94 -16.31 -2.35
N ASP A 155 -7.96 -16.64 -3.13
CA ASP A 155 -7.83 -17.65 -4.18
C ASP A 155 -6.96 -17.29 -5.37
N SER A 156 -6.55 -16.03 -5.44
CA SER A 156 -5.62 -15.60 -6.48
C SER A 156 -4.15 -15.93 -6.17
N VAL A 157 -3.89 -16.52 -5.02
CA VAL A 157 -2.59 -16.94 -4.59
C VAL A 157 -2.65 -18.46 -4.43
N LYS A 158 -1.92 -19.17 -5.28
CA LYS A 158 -1.95 -20.62 -5.26
C LYS A 158 -0.56 -21.20 -5.11
N ARG A 159 -0.38 -22.32 -4.41
N ARG A 159 -0.34 -22.30 -4.41
CA ARG A 159 0.93 -22.99 -4.36
CA ARG A 159 0.95 -22.99 -4.42
C ARG A 159 1.36 -23.35 -5.81
C ARG A 159 1.36 -23.36 -5.84
N TYR A 160 2.63 -23.14 -6.17
CA TYR A 160 3.10 -23.35 -7.52
C TYR A 160 3.62 -24.78 -7.66
N MET B 4 -6.37 27.04 -9.72
CA MET B 4 -6.68 25.85 -8.95
C MET B 4 -6.11 24.53 -9.45
N ILE B 5 -5.74 23.70 -8.51
CA ILE B 5 -5.29 22.30 -8.64
C ILE B 5 -6.51 21.44 -8.35
N GLN B 6 -6.68 20.37 -9.14
CA GLN B 6 -7.75 19.41 -8.91
C GLN B 6 -7.18 18.31 -8.04
N ALA B 7 -7.81 18.10 -6.87
CA ALA B 7 -7.36 17.08 -5.92
C ALA B 7 -8.53 16.17 -5.55
N TYR B 8 -8.19 15.01 -5.03
CA TYR B 8 -9.15 14.00 -4.64
C TYR B 8 -8.84 13.54 -3.22
N LEU B 9 -9.90 13.48 -2.40
CA LEU B 9 -9.80 13.05 -1.02
C LEU B 9 -10.62 11.79 -0.83
N GLY B 10 -10.12 10.90 0.05
CA GLY B 10 -10.86 9.71 0.42
C GLY B 10 -11.30 9.87 1.86
N LEU B 11 -12.59 9.66 2.11
CA LEU B 11 -13.14 9.84 3.44
C LEU B 11 -13.70 8.53 3.94
N GLY B 12 -13.60 8.32 5.26
CA GLY B 12 -14.08 7.12 5.88
C GLY B 12 -14.58 7.38 7.28
N SER B 13 -15.55 6.55 7.72
CA SER B 13 -16.06 6.59 9.08
C SER B 13 -16.57 5.23 9.48
N ASN B 14 -16.21 4.74 10.67
CA ASN B 14 -16.75 3.46 11.11
C ASN B 14 -17.20 3.46 12.57
N ILE B 15 -17.51 4.63 13.12
CA ILE B 15 -18.12 4.72 14.46
C ILE B 15 -18.98 5.96 14.45
N GLY B 16 -20.10 5.92 15.16
CA GLY B 16 -21.05 7.03 15.16
C GLY B 16 -22.03 6.96 14.00
N ASP B 17 -22.68 8.13 13.74
CA ASP B 17 -23.58 8.30 12.58
C ASP B 17 -22.68 8.57 11.38
N ARG B 18 -22.30 7.46 10.72
CA ARG B 18 -21.24 7.52 9.72
C ARG B 18 -21.58 8.48 8.59
N GLU B 19 -22.80 8.41 8.06
CA GLU B 19 -23.18 9.25 6.92
C GLU B 19 -23.22 10.73 7.33
N SER B 20 -23.80 11.01 8.48
CA SER B 20 -23.85 12.41 8.95
C SER B 20 -22.49 12.99 9.17
N GLN B 21 -21.60 12.18 9.74
CA GLN B 21 -20.22 12.64 9.97
CA GLN B 21 -20.24 12.65 9.98
C GLN B 21 -19.48 12.90 8.66
N LEU B 22 -19.65 12.02 7.66
CA LEU B 22 -19.05 12.25 6.35
C LEU B 22 -19.61 13.52 5.73
N ASN B 23 -20.93 13.73 5.81
CA ASN B 23 -21.49 14.93 5.19
C ASN B 23 -21.01 16.21 5.91
N ASP B 24 -20.93 16.16 7.26
CA ASP B 24 -20.45 17.32 8.01
C ASP B 24 -19.03 17.61 7.58
N ALA B 25 -18.22 16.55 7.45
CA ALA B 25 -16.84 16.74 7.03
C ALA B 25 -16.70 17.44 5.69
N ILE B 26 -17.52 17.02 4.74
CA ILE B 26 -17.48 17.63 3.41
C ILE B 26 -17.84 19.14 3.51
N LYS B 27 -18.86 19.44 4.32
CA LYS B 27 -19.28 20.82 4.51
C LYS B 27 -18.16 21.64 5.08
N ILE B 28 -17.49 21.11 6.09
CA ILE B 28 -16.38 21.81 6.74
C ILE B 28 -15.23 22.03 5.74
N LEU B 29 -14.85 20.98 5.00
CA LEU B 29 -13.79 21.12 4.01
C LEU B 29 -14.12 22.25 3.03
N ASN B 30 -15.36 22.20 2.55
CA ASN B 30 -15.84 23.17 1.56
C ASN B 30 -15.83 24.63 2.10
N GLU B 31 -15.90 24.79 3.43
CA GLU B 31 -15.94 26.13 4.02
C GLU B 31 -14.60 26.78 4.14
N TYR B 32 -13.50 26.05 3.91
CA TYR B 32 -12.22 26.70 3.86
C TYR B 32 -12.03 27.58 2.64
N ASP B 33 -11.48 28.77 2.83
CA ASP B 33 -10.82 29.52 1.76
C ASP B 33 -9.83 28.63 1.03
N GLY B 34 -9.90 28.62 -0.26
CA GLY B 34 -8.97 27.88 -1.05
C GLY B 34 -9.32 26.45 -1.34
N ILE B 35 -10.45 25.95 -0.78
CA ILE B 35 -10.99 24.63 -1.12
C ILE B 35 -12.44 24.80 -1.59
N SER B 36 -12.74 24.23 -2.72
CA SER B 36 -14.13 24.18 -3.22
C SER B 36 -14.43 22.72 -3.54
N VAL B 37 -15.42 22.12 -2.92
CA VAL B 37 -15.85 20.80 -3.28
C VAL B 37 -16.66 20.83 -4.55
N SER B 38 -16.21 20.14 -5.60
CA SER B 38 -16.84 20.12 -6.91
C SER B 38 -17.59 18.89 -7.27
N ASN B 39 -17.28 17.77 -6.60
CA ASN B 39 -18.03 16.55 -6.81
C ASN B 39 -17.88 15.66 -5.59
N ILE B 40 -18.83 14.78 -5.39
CA ILE B 40 -18.86 13.82 -4.25
C ILE B 40 -19.37 12.52 -4.84
N SER B 41 -18.65 11.45 -4.58
CA SER B 41 -19.08 10.13 -5.02
C SER B 41 -20.32 9.63 -4.28
N PRO B 42 -20.96 8.56 -4.77
CA PRO B 42 -21.84 7.80 -3.90
C PRO B 42 -21.09 7.28 -2.68
N ILE B 43 -21.84 6.97 -1.63
CA ILE B 43 -21.33 6.34 -0.43
C ILE B 43 -21.41 4.83 -0.55
N TYR B 44 -20.31 4.19 -0.14
CA TYR B 44 -20.21 2.73 -0.10
C TYR B 44 -20.01 2.23 1.32
N GLU B 45 -20.68 1.13 1.66
CA GLU B 45 -20.40 0.42 2.90
C GLU B 45 -19.33 -0.62 2.60
N THR B 46 -18.26 -0.67 3.40
CA THR B 46 -17.09 -1.41 3.04
C THR B 46 -16.57 -2.19 4.25
N ALA B 47 -16.12 -3.42 3.98
CA ALA B 47 -15.52 -4.22 5.03
C ALA B 47 -14.12 -3.66 5.34
N PRO B 48 -13.74 -3.64 6.60
CA PRO B 48 -12.40 -3.17 6.96
C PRO B 48 -11.32 -4.05 6.35
N VAL B 49 -10.26 -3.42 5.88
CA VAL B 49 -9.11 -4.16 5.40
C VAL B 49 -7.91 -3.76 6.22
N GLY B 50 -6.94 -4.69 6.26
CA GLY B 50 -5.62 -4.44 6.81
C GLY B 50 -5.47 -4.56 8.32
N TYR B 51 -6.47 -5.07 9.02
CA TYR B 51 -6.41 -5.06 10.47
C TYR B 51 -7.21 -6.23 11.06
N THR B 52 -7.71 -6.08 12.28
CA THR B 52 -8.55 -7.08 12.89
C THR B 52 -9.97 -6.84 12.44
N GLU B 53 -10.89 -7.62 12.98
CA GLU B 53 -12.29 -7.44 12.69
C GLU B 53 -12.67 -6.13 13.39
N GLN B 54 -13.36 -5.30 12.66
CA GLN B 54 -13.74 -3.95 13.11
C GLN B 54 -15.12 -3.66 12.52
N PRO B 55 -15.81 -2.64 13.05
CA PRO B 55 -17.08 -2.26 12.45
C PRO B 55 -16.88 -1.80 10.99
N ASN B 56 -17.90 -2.05 10.18
CA ASN B 56 -17.88 -1.66 8.79
C ASN B 56 -17.79 -0.14 8.63
N PHE B 57 -17.12 0.24 7.56
CA PHE B 57 -16.94 1.65 7.18
C PHE B 57 -18.05 2.09 6.22
N LEU B 58 -18.29 3.39 6.19
CA LEU B 58 -18.87 4.06 5.08
C LEU B 58 -17.60 4.83 4.50
N ASN B 59 -17.44 4.71 3.19
CA ASN B 59 -16.37 5.40 2.48
C ASN B 59 -16.93 6.14 1.27
N LEU B 60 -16.31 7.21 0.90
CA LEU B 60 -16.59 7.94 -0.33
C LEU B 60 -15.32 8.67 -0.76
N CYS B 61 -15.42 9.30 -1.93
CA CYS B 61 -14.39 10.22 -2.39
C CYS B 61 -14.96 11.58 -2.77
N VAL B 62 -14.11 12.60 -2.62
CA VAL B 62 -14.53 13.97 -3.04
CA VAL B 62 -14.49 13.99 -2.91
C VAL B 62 -13.49 14.55 -3.94
N GLU B 63 -14.00 15.33 -4.91
CA GLU B 63 -13.21 16.14 -5.79
C GLU B 63 -13.17 17.53 -5.25
N ILE B 64 -11.99 18.14 -5.14
CA ILE B 64 -11.88 19.54 -4.77
C ILE B 64 -11.07 20.31 -5.80
N GLN B 65 -11.40 21.59 -5.96
CA GLN B 65 -10.60 22.54 -6.68
C GLN B 65 -9.93 23.39 -5.64
N THR B 66 -8.59 23.42 -5.60
CA THR B 66 -7.90 24.09 -4.54
C THR B 66 -6.74 25.00 -4.96
N THR B 67 -6.55 26.09 -4.23
CA THR B 67 -5.39 26.96 -4.40
C THR B 67 -4.43 26.83 -3.24
N LEU B 68 -4.68 25.86 -2.35
CA LEU B 68 -3.77 25.63 -1.21
C LEU B 68 -2.60 24.78 -1.67
N THR B 69 -1.47 24.94 -0.97
CA THR B 69 -0.39 23.97 -1.13
C THR B 69 -0.83 22.62 -0.59
N VAL B 70 -0.12 21.58 -0.94
CA VAL B 70 -0.55 20.25 -0.49
C VAL B 70 -0.37 20.14 1.03
N LEU B 71 0.65 20.80 1.61
CA LEU B 71 0.77 20.81 3.09
C LEU B 71 -0.34 21.60 3.73
N GLN B 72 -0.75 22.73 3.14
CA GLN B 72 -1.91 23.46 3.64
C GLN B 72 -3.17 22.60 3.58
N LEU B 73 -3.34 21.87 2.48
CA LEU B 73 -4.46 20.95 2.33
C LEU B 73 -4.45 19.89 3.41
N LEU B 74 -3.28 19.30 3.67
CA LEU B 74 -3.20 18.32 4.75
C LEU B 74 -3.67 18.88 6.07
N GLU B 75 -3.22 20.11 6.41
CA GLU B 75 -3.64 20.69 7.67
C GLU B 75 -5.20 20.80 7.73
N CYS B 76 -5.82 21.21 6.64
CA CYS B 76 -7.26 21.28 6.57
C CYS B 76 -7.92 19.92 6.78
N CYS B 77 -7.34 18.88 6.18
CA CYS B 77 -7.88 17.55 6.34
C CYS B 77 -7.80 17.06 7.79
N LEU B 78 -6.62 17.29 8.42
CA LEU B 78 -6.47 16.85 9.77
C LEU B 78 -7.28 17.68 10.78
N LYS B 79 -7.39 18.98 10.53
CA LYS B 79 -8.28 19.82 11.36
C LYS B 79 -9.73 19.36 11.24
N THR B 80 -10.14 18.90 10.07
CA THR B 80 -11.51 18.42 9.89
C THR B 80 -11.77 17.17 10.71
N GLU B 81 -10.78 16.26 10.74
CA GLU B 81 -10.85 15.11 11.62
C GLU B 81 -11.04 15.51 13.11
N GLU B 82 -10.31 16.54 13.54
CA GLU B 82 -10.48 17.06 14.90
C GLU B 82 -11.87 17.61 15.14
N CYS B 83 -12.42 18.31 14.13
CA CYS B 83 -13.79 18.85 14.23
C CYS B 83 -14.81 17.72 14.38
N LEU B 84 -14.52 16.55 13.79
CA LEU B 84 -15.34 15.35 13.93
C LEU B 84 -14.93 14.44 15.09
N HIS B 85 -14.07 14.95 15.97
CA HIS B 85 -13.78 14.29 17.25
C HIS B 85 -13.13 12.92 17.07
N ARG B 86 -12.29 12.79 16.05
CA ARG B 86 -11.48 11.58 15.96
C ARG B 86 -10.60 11.41 17.18
N ILE B 87 -10.65 10.19 17.74
CA ILE B 87 -9.84 9.78 18.91
C ILE B 87 -8.70 8.92 18.43
N ARG B 88 -7.51 9.26 18.79
CA ARG B 88 -6.35 8.49 18.31
C ARG B 88 -5.76 7.86 19.53
N LYS B 89 -5.73 6.52 19.56
CA LYS B 89 -5.12 5.78 20.66
C LYS B 89 -3.80 5.13 20.21
N GLU B 90 -3.13 4.45 21.15
CA GLU B 90 -1.86 3.80 20.87
C GLU B 90 -2.00 2.73 19.76
N ARG B 91 -3.11 2.02 19.77
CA ARG B 91 -3.40 0.99 18.76
C ARG B 91 -4.54 1.48 17.90
N TRP B 92 -4.52 1.06 16.66
CA TRP B 92 -5.54 1.53 15.75
C TRP B 92 -6.88 0.99 16.16
N GLY B 93 -7.91 1.75 15.81
CA GLY B 93 -9.27 1.35 16.07
C GLY B 93 -10.26 2.15 15.26
N PRO B 94 -11.53 2.03 15.59
CA PRO B 94 -12.57 2.76 14.82
C PRO B 94 -12.36 4.26 14.92
N ARG B 95 -12.77 4.95 13.87
CA ARG B 95 -12.64 6.38 13.80
C ARG B 95 -13.91 7.05 13.28
N THR B 96 -14.19 8.20 13.88
CA THR B 96 -15.33 8.97 13.42
C THR B 96 -15.15 9.52 12.02
N LEU B 97 -13.93 9.88 11.67
CA LEU B 97 -13.63 10.45 10.38
C LEU B 97 -12.13 10.26 10.05
N ASP B 98 -11.87 9.78 8.85
CA ASP B 98 -10.54 9.77 8.24
C ASP B 98 -10.62 10.51 6.94
N VAL B 99 -9.73 11.50 6.77
CA VAL B 99 -9.64 12.27 5.52
C VAL B 99 -8.23 12.09 4.94
N ASP B 100 -8.15 11.37 3.83
CA ASP B 100 -6.89 11.04 3.22
C ASP B 100 -6.74 11.77 1.91
N ILE B 101 -5.59 12.39 1.67
CA ILE B 101 -5.32 12.98 0.36
C ILE B 101 -4.91 11.85 -0.57
N LEU B 102 -5.71 11.60 -1.60
CA LEU B 102 -5.44 10.57 -2.57
C LEU B 102 -4.55 11.10 -3.69
N LEU B 103 -4.93 12.22 -4.29
CA LEU B 103 -4.26 12.79 -5.46
C LEU B 103 -4.25 14.28 -5.29
N TYR B 104 -3.13 14.93 -5.70
CA TYR B 104 -3.01 16.37 -5.70
C TYR B 104 -2.45 16.72 -7.07
N GLY B 105 -3.37 17.02 -8.00
CA GLY B 105 -2.99 17.12 -9.40
C GLY B 105 -2.21 15.87 -9.81
N GLU B 106 -1.12 16.10 -10.54
CA GLU B 106 -0.21 15.03 -10.96
C GLU B 106 1.01 14.97 -10.10
N GLU B 107 1.01 15.60 -8.94
CA GLU B 107 2.18 15.72 -8.12
CA GLU B 107 2.20 15.69 -8.13
C GLU B 107 2.47 14.41 -7.34
N MET B 108 3.77 14.20 -7.12
CA MET B 108 4.26 13.13 -6.30
C MET B 108 5.09 13.73 -5.18
N ILE B 109 4.68 13.48 -3.92
CA ILE B 109 5.28 14.01 -2.67
C ILE B 109 5.66 12.93 -1.64
N ASP B 110 6.85 12.92 -0.96
CA ASP B 110 7.25 11.90 -0.02
C ASP B 110 7.92 12.54 1.18
N LEU B 111 7.17 13.39 1.84
CA LEU B 111 7.68 14.06 3.02
C LEU B 111 7.37 13.19 4.21
N PRO B 112 8.04 13.39 5.32
CA PRO B 112 7.76 12.55 6.47
C PRO B 112 6.28 12.48 6.85
N LYS B 113 5.56 13.59 6.77
CA LYS B 113 4.16 13.62 7.19
C LYS B 113 3.18 13.49 6.03
N LEU B 114 3.64 13.33 4.80
CA LEU B 114 2.77 13.45 3.65
C LEU B 114 3.29 12.64 2.46
N SER B 115 2.53 11.63 2.06
CA SER B 115 2.81 10.81 0.88
CA SER B 115 2.82 10.83 0.88
C SER B 115 1.64 10.89 -0.06
N VAL B 116 1.87 11.42 -1.25
CA VAL B 116 0.86 11.59 -2.27
C VAL B 116 1.44 11.20 -3.61
N PRO B 117 0.71 10.46 -4.47
CA PRO B 117 -0.55 9.79 -4.21
C PRO B 117 -0.52 8.90 -3.00
N HIS B 118 -1.67 8.69 -2.39
CA HIS B 118 -1.72 7.90 -1.20
C HIS B 118 -1.08 6.50 -1.49
N PRO B 119 -0.18 6.03 -0.68
CA PRO B 119 0.56 4.80 -1.03
C PRO B 119 -0.21 3.51 -1.17
N ARG B 120 -1.42 3.45 -0.63
CA ARG B 120 -2.21 2.24 -0.67
C ARG B 120 -3.41 2.31 -1.59
N MET B 121 -3.67 3.46 -2.23
CA MET B 121 -4.90 3.64 -2.97
C MET B 121 -5.12 2.68 -4.12
N ASN B 122 -4.05 2.28 -4.80
CA ASN B 122 -4.22 1.49 -6.01
C ASN B 122 -4.60 0.06 -5.78
N GLU B 123 -4.63 -0.35 -4.51
CA GLU B 123 -5.00 -1.71 -4.16
C GLU B 123 -6.17 -1.76 -3.20
N ARG B 124 -6.92 -0.64 -3.11
CA ARG B 124 -8.08 -0.52 -2.20
C ARG B 124 -9.36 -0.28 -2.95
N ALA B 125 -10.24 -1.28 -2.95
CA ALA B 125 -11.55 -1.11 -3.58
C ALA B 125 -12.38 -0.02 -2.92
N PHE B 126 -12.20 0.16 -1.60
CA PHE B 126 -12.98 1.18 -0.91
C PHE B 126 -12.58 2.58 -1.32
N VAL B 127 -11.40 2.72 -1.94
CA VAL B 127 -10.99 3.96 -2.60
C VAL B 127 -11.41 3.97 -4.07
N LEU B 128 -10.95 2.98 -4.82
CA LEU B 128 -11.05 3.03 -6.27
C LEU B 128 -12.48 2.97 -6.81
N ILE B 129 -13.37 2.25 -6.13
CA ILE B 129 -14.77 2.17 -6.60
C ILE B 129 -15.43 3.56 -6.55
N PRO B 130 -15.42 4.21 -5.37
CA PRO B 130 -16.02 5.56 -5.38
C PRO B 130 -15.18 6.55 -6.17
N LEU B 131 -13.86 6.38 -6.22
CA LEU B 131 -13.07 7.33 -6.97
C LEU B 131 -13.39 7.25 -8.46
N ASN B 132 -13.61 6.04 -8.95
CA ASN B 132 -13.97 5.84 -10.37
C ASN B 132 -15.32 6.51 -10.75
N ASP B 133 -16.21 6.63 -9.76
CA ASP B 133 -17.51 7.29 -9.98
C ASP B 133 -17.30 8.78 -10.32
N ILE B 134 -16.23 9.41 -9.86
CA ILE B 134 -15.99 10.84 -10.04
C ILE B 134 -14.71 11.24 -10.82
N ALA B 135 -13.84 10.26 -11.06
CA ALA B 135 -12.50 10.52 -11.55
C ALA B 135 -12.02 9.43 -12.52
N ALA B 136 -12.96 8.81 -13.25
CA ALA B 136 -12.61 7.67 -14.13
C ALA B 136 -11.45 7.96 -15.06
N ASN B 137 -11.36 9.19 -15.59
CA ASN B 137 -10.35 9.54 -16.60
C ASN B 137 -9.18 10.31 -16.05
N VAL B 138 -9.10 10.41 -14.71
CA VAL B 138 -7.97 11.06 -14.04
C VAL B 138 -6.79 10.07 -13.98
N VAL B 139 -5.62 10.59 -14.30
CA VAL B 139 -4.41 9.76 -14.28
C VAL B 139 -3.74 9.74 -12.89
N GLU B 140 -3.51 8.54 -12.40
CA GLU B 140 -2.76 8.33 -11.17
C GLU B 140 -1.26 8.37 -11.56
N PRO B 141 -0.47 9.34 -11.03
CA PRO B 141 0.80 9.66 -11.69
C PRO B 141 1.89 8.62 -11.47
N ARG B 142 1.82 7.75 -10.46
CA ARG B 142 2.87 6.73 -10.26
C ARG B 142 2.74 5.62 -11.28
N SER B 143 1.53 5.05 -11.39
CA SER B 143 1.23 4.02 -12.36
C SER B 143 1.11 4.53 -13.79
N LYS B 144 0.74 5.80 -13.91
CA LYS B 144 0.43 6.45 -15.15
C LYS B 144 -0.83 5.87 -15.80
N LEU B 145 -1.68 5.23 -14.98
CA LEU B 145 -2.97 4.69 -15.43
C LEU B 145 -4.12 5.63 -15.01
N LYS B 146 -5.13 5.69 -15.87
CA LYS B 146 -6.37 6.30 -15.43
C LYS B 146 -7.02 5.43 -14.33
N VAL B 147 -7.80 6.10 -13.46
CA VAL B 147 -8.53 5.40 -12.39
C VAL B 147 -9.37 4.25 -12.96
N LYS B 148 -10.03 4.47 -14.10
CA LYS B 148 -10.87 3.43 -14.66
C LYS B 148 -10.11 2.17 -15.05
N ASP B 149 -8.78 2.28 -15.26
CA ASP B 149 -7.95 1.11 -15.53
C ASP B 149 -7.35 0.47 -14.27
N LEU B 150 -7.47 1.10 -13.10
CA LEU B 150 -7.06 0.55 -11.82
C LEU B 150 -8.23 -0.13 -11.10
N VAL B 151 -9.44 0.42 -11.25
CA VAL B 151 -10.57 -0.06 -10.46
C VAL B 151 -10.84 -1.55 -10.72
N PHE B 152 -11.22 -2.26 -9.66
CA PHE B 152 -11.55 -3.68 -9.75
C PHE B 152 -12.78 -3.98 -8.95
N VAL B 153 -13.46 -5.05 -9.37
CA VAL B 153 -14.68 -5.46 -8.69
C VAL B 153 -14.30 -6.06 -7.32
N ASP B 154 -15.10 -5.80 -6.30
CA ASP B 154 -14.86 -6.33 -4.95
C ASP B 154 -16.16 -6.49 -4.16
N ASP B 155 -16.50 -7.73 -3.75
CA ASP B 155 -17.73 -7.98 -3.00
C ASP B 155 -17.83 -7.41 -1.62
N SER B 156 -16.72 -6.85 -1.11
CA SER B 156 -16.73 -6.24 0.18
C SER B 156 -17.10 -4.77 0.18
N VAL B 157 -17.36 -4.25 -0.99
CA VAL B 157 -17.75 -2.82 -1.19
C VAL B 157 -19.14 -2.82 -1.83
N LYS B 158 -20.10 -2.21 -1.15
CA LYS B 158 -21.50 -2.23 -1.61
C LYS B 158 -22.07 -0.80 -1.51
N ARG B 159 -22.84 -0.38 -2.51
CA ARG B 159 -23.53 0.93 -2.39
C ARG B 159 -24.35 0.98 -1.09
N TYR B 160 -24.23 2.06 -0.37
CA TYR B 160 -24.95 2.22 0.87
C TYR B 160 -26.35 2.74 0.62
PG APC C . 5.87 -2.18 -4.60
O1G APC C . 6.02 -3.67 -4.36
O2G APC C . 6.61 -1.36 -3.66
O3G APC C . 4.45 -1.70 -4.73
PB APC C . 7.96 -2.22 -6.63
O1B APC C . 8.57 -3.26 -5.69
O2B APC C . 7.80 -2.64 -8.05
O3B APC C . 6.54 -1.84 -6.07
PA APC C . 10.55 -0.90 -7.20
O1A APC C . 11.02 -2.29 -6.96
O2A APC C . 10.59 -0.41 -8.59
C3A APC C . 8.89 -0.69 -6.52
O5' APC C . 11.50 -0.03 -6.29
C5' APC C . 11.48 1.40 -6.40
C4' APC C . 12.16 1.97 -5.17
O4' APC C . 11.42 1.63 -3.98
C3' APC C . 13.57 1.44 -4.80
O3' APC C . 14.60 2.02 -5.55
C2' APC C . 13.71 1.79 -3.30
O2' APC C . 14.51 2.98 -3.10
C1' APC C . 12.26 2.03 -2.88
N9 APC C . 11.80 1.32 -1.70
C8 APC C . 11.08 1.91 -0.67
N7 APC C . 10.76 1.08 0.30
C5 APC C . 11.28 -0.12 -0.14
C6 APC C . 11.27 -1.40 0.42
N6 APC C . 10.63 -1.68 1.63
N1 APC C . 11.93 -2.41 -0.22
C2 APC C . 12.51 -2.16 -1.40
N3 APC C . 12.58 -0.96 -2.02
C4 APC C . 11.96 0.00 -1.34
C1 5RW D . 3.79 -3.84 -11.51
C2 5RW D . 1.87 -5.19 -11.29
C3 5RW D . 4.24 -4.56 -12.60
C4 5RW D . 2.32 -5.94 -12.37
C5 5RW D . 2.63 -4.12 -10.84
C6 5RW D . 3.46 -5.61 -13.00
C7 5RW D . 3.41 -7.42 -7.33
C8 5RW D . 2.08 -7.33 -7.66
C9 5RW D . 3.06 -5.36 -7.68
C10 5RW D . 3.93 -8.72 -6.99
C11 5RW D . 1.67 -9.51 -7.46
C12 5RW D . 2.22 -3.32 -9.58
N13 5RW D . 4.03 -6.20 -7.36
N14 5RW D . 1.20 -8.30 -7.78
N15 5RW D . 1.88 -6.01 -7.91
N16 5RW D . 2.98 -9.71 -7.10
N17 5RW D . 0.91 -10.60 -7.47
O18 5RW D . 5.10 -9.01 -6.63
F19 5RW D . 3.89 -6.34 -14.06
S20 5RW D . 3.26 -3.64 -7.89
NA NA E . 26.08 -14.23 3.47
NA NA F . 7.93 8.51 3.29
MG MG G . 10.60 -3.56 -5.35
MG MG H . 7.37 -4.96 -5.13
CL CL I . 12.67 -7.12 -16.54
PG APC J . -4.13 4.69 5.72
O1G APC J . -3.68 3.28 5.58
O2G APC J . -3.07 5.64 5.32
O3G APC J . -5.48 5.00 5.07
PB APC J . -4.91 6.11 8.12
O1B APC J . -5.63 6.99 7.14
O2B APC J . -5.77 5.59 9.25
O3B APC J . -4.32 4.87 7.31
PA APC J . -3.98 8.36 9.85
O1A APC J . -4.05 7.90 11.25
O2A APC J . -5.27 8.96 9.31
C3A APC J . -3.47 6.98 8.75
O5' APC J . -2.92 9.53 9.62
C5' APC J . -1.61 9.42 10.16
C4' APC J . -0.71 10.44 9.44
O4' APC J . -0.69 10.12 8.06
C3' APC J . -1.18 11.91 9.39
O3' APC J . -0.87 12.61 10.58
C2' APC J . -0.48 12.49 8.17
O2' APC J . 0.65 13.27 8.60
C1' APC J . 0.00 11.24 7.45
N9 APC J . -0.22 11.22 6.04
C8 APC J . 0.70 10.83 5.13
N7 APC J . 0.24 10.85 3.89
C5 APC J . -1.09 11.26 4.01
C6 APC J . -2.08 11.45 3.05
N6 APC J . -1.90 11.22 1.73
N1 APC J . -3.28 11.88 3.49
C2 APC J . -3.46 12.08 4.79
N3 APC J . -2.58 11.92 5.79
C4 APC J . -1.37 11.51 5.32
C1 5RW K . -7.71 0.75 10.89
C2 5RW K . -8.90 -0.89 9.74
C3 5RW K . -8.78 0.94 11.79
C4 5RW K . -9.97 -0.75 10.58
C5 5RW K . -7.78 -0.15 9.84
C6 5RW K . -9.88 0.17 11.62
C7 5RW K . -9.87 1.81 5.91
C8 5RW K . -9.85 0.43 5.86
C9 5RW K . -8.02 1.24 6.78
C10 5RW K . -11.00 2.48 5.36
C11 5RW K . -11.82 0.21 4.89
C12 5RW K . -6.61 -0.28 8.86
N13 5RW K . -8.73 2.32 6.48
N14 5RW K . -10.77 -0.40 5.39
N15 5RW K . -8.66 0.09 6.42
N16 5RW K . -11.94 1.60 4.83
N17 5RW K . -12.81 -0.51 4.35
O18 5RW K . -11.18 3.72 5.28
F19 5RW K . -10.95 0.32 12.43
S20 5RW K . -6.43 1.24 7.57
NA NA L . -14.31 27.01 0.12
MG MG M . -7.02 6.12 5.74
MG MG N . -5.87 9.09 7.31
CL CL O . -12.76 8.19 16.72
#